data_1WB7
#
_entry.id   1WB7
#
_cell.length_a   75.188
_cell.length_b   121.753
_cell.length_c   59.420
_cell.angle_alpha   90.00
_cell.angle_beta   128.74
_cell.angle_gamma   90.00
#
_symmetry.space_group_name_H-M   'C 1 2 1'
#
loop_
_entity.id
_entity.type
_entity.pdbx_description
1 polymer 'SUPEROXIDE DISMUTASE [FE]'
2 non-polymer 'FE (III) ION'
3 water water
#
_entity_poly.entity_id   1
_entity_poly.type   'polypeptide(L)'
_entity_poly.pdbx_seq_one_letter_code
;TLQIQFKKYELPPLPYKIDALEPYISKDIIDVHYNGHHKGFVNGANSLLERLEKVVKGDLQTGQYDIQGIIRGLTFNING
HKLHALYWENMAPSGKGGGKPGGALADLINKQYGSFDRFKQVFTETANSLPGTGWAVLYYDTESGNLQIMTFENHFQNHI
AEIPIILILDEFEHAYYLQYKNKRADYVNAWWNVVNWDAAEKKLQKYLTK
;
_entity_poly.pdbx_strand_id   A,B
#
# COMPACT_ATOMS: atom_id res chain seq x y z
N ILE A 4 25.98 23.83 -9.41
CA ILE A 4 25.69 22.39 -9.63
C ILE A 4 24.32 22.02 -9.05
N GLN A 5 23.62 21.11 -9.72
CA GLN A 5 22.33 20.67 -9.26
C GLN A 5 21.80 19.56 -10.16
N PHE A 6 20.60 19.08 -9.83
CA PHE A 6 19.93 18.03 -10.59
C PHE A 6 18.74 18.66 -11.28
N LYS A 7 18.37 18.13 -12.43
CA LYS A 7 17.22 18.66 -13.15
C LYS A 7 15.97 18.16 -12.43
N LYS A 8 14.95 19.00 -12.33
CA LYS A 8 13.73 18.62 -11.64
C LYS A 8 12.75 17.90 -12.56
N TYR A 9 11.83 17.17 -11.97
CA TYR A 9 10.82 16.45 -12.74
C TYR A 9 9.61 17.32 -13.00
N GLU A 10 8.86 16.97 -14.04
CA GLU A 10 7.68 17.72 -14.40
C GLU A 10 6.47 16.82 -14.61
N LEU A 11 5.34 17.27 -14.06
CA LEU A 11 4.10 16.54 -14.17
C LEU A 11 3.66 16.58 -15.62
N PRO A 12 3.54 15.41 -16.27
CA PRO A 12 3.12 15.44 -17.67
C PRO A 12 1.63 15.76 -17.73
N PRO A 13 1.18 16.37 -18.84
CA PRO A 13 -0.25 16.68 -18.93
C PRO A 13 -1.02 15.38 -19.13
N LEU A 14 -2.26 15.35 -18.65
CA LEU A 14 -3.10 14.18 -18.80
C LEU A 14 -3.38 14.03 -20.29
N PRO A 15 -3.40 12.81 -20.82
CA PRO A 15 -3.64 12.58 -22.27
C PRO A 15 -5.10 12.73 -22.69
N TYR A 16 -5.98 12.92 -21.72
CA TYR A 16 -7.41 13.05 -21.99
C TYR A 16 -8.08 13.78 -20.84
N LYS A 17 -9.38 14.02 -20.99
CA LYS A 17 -10.16 14.69 -19.95
C LYS A 17 -10.24 13.73 -18.78
N ILE A 18 -10.51 14.25 -17.58
CA ILE A 18 -10.59 13.40 -16.39
C ILE A 18 -11.76 12.42 -16.40
N ASP A 19 -12.74 12.65 -17.25
CA ASP A 19 -13.90 11.76 -17.33
C ASP A 19 -13.84 10.83 -18.54
N ALA A 20 -12.78 10.94 -19.32
CA ALA A 20 -12.62 10.13 -20.51
C ALA A 20 -12.63 8.63 -20.28
N LEU A 21 -12.30 8.20 -19.06
CA LEU A 21 -12.25 6.78 -18.77
C LEU A 21 -13.52 6.17 -18.19
N GLU A 22 -14.55 6.99 -17.98
CA GLU A 22 -15.81 6.48 -17.46
C GLU A 22 -16.43 5.57 -18.50
N PRO A 23 -17.25 4.59 -18.06
CA PRO A 23 -17.61 4.32 -16.67
C PRO A 23 -16.65 3.37 -15.95
N TYR A 24 -15.53 3.05 -16.57
CA TYR A 24 -14.57 2.12 -15.98
C TYR A 24 -13.81 2.71 -14.80
N ILE A 25 -13.46 3.99 -14.88
CA ILE A 25 -12.77 4.66 -13.78
C ILE A 25 -13.39 6.05 -13.73
N SER A 26 -14.12 6.34 -12.65
CA SER A 26 -14.81 7.62 -12.50
C SER A 26 -13.89 8.83 -12.61
N LYS A 27 -14.46 9.95 -13.03
CA LYS A 27 -13.69 11.17 -13.15
C LYS A 27 -13.20 11.65 -11.78
N ASP A 28 -13.96 11.32 -10.73
CA ASP A 28 -13.58 11.70 -9.37
C ASP A 28 -12.25 11.06 -9.00
N ILE A 29 -12.08 9.80 -9.37
CA ILE A 29 -10.84 9.09 -9.08
C ILE A 29 -9.72 9.73 -9.88
N ILE A 30 -9.91 9.83 -11.19
CA ILE A 30 -8.90 10.40 -12.08
C ILE A 30 -8.45 11.79 -11.64
N ASP A 31 -9.42 12.62 -11.28
CA ASP A 31 -9.13 13.98 -10.84
C ASP A 31 -8.11 14.04 -9.70
N VAL A 32 -8.39 13.35 -8.60
CA VAL A 32 -7.48 13.37 -7.46
C VAL A 32 -6.25 12.48 -7.71
N HIS A 33 -6.44 11.44 -8.51
CA HIS A 33 -5.34 10.53 -8.81
C HIS A 33 -4.23 11.26 -9.55
N TYR A 34 -4.61 12.15 -10.47
CA TYR A 34 -3.65 12.92 -11.25
C TYR A 34 -3.23 14.21 -10.53
N ASN A 35 -4.21 15.05 -10.22
CA ASN A 35 -3.92 16.32 -9.56
C ASN A 35 -3.46 16.22 -8.11
N GLY A 36 -3.80 15.10 -7.47
CA GLY A 36 -3.39 14.92 -6.09
C GLY A 36 -2.21 13.97 -5.93
N HIS A 37 -2.42 12.70 -6.23
CA HIS A 37 -1.37 11.71 -6.10
C HIS A 37 -0.16 11.88 -7.01
N HIS A 38 -0.37 11.94 -8.32
CA HIS A 38 0.76 12.08 -9.24
C HIS A 38 1.54 13.37 -8.98
N LYS A 39 0.83 14.49 -8.85
CA LYS A 39 1.49 15.76 -8.58
C LYS A 39 2.29 15.66 -7.28
N GLY A 40 1.75 14.93 -6.31
CA GLY A 40 2.46 14.77 -5.05
C GLY A 40 3.82 14.10 -5.21
N PHE A 41 3.92 13.18 -6.17
CA PHE A 41 5.18 12.47 -6.41
C PHE A 41 6.21 13.35 -7.08
N VAL A 42 5.76 14.15 -8.03
CA VAL A 42 6.66 15.07 -8.72
C VAL A 42 7.24 16.02 -7.67
N ASN A 43 6.37 16.57 -6.83
CA ASN A 43 6.78 17.49 -5.79
C ASN A 43 7.69 16.82 -4.76
N GLY A 44 7.33 15.62 -4.35
CA GLY A 44 8.13 14.90 -3.38
C GLY A 44 9.51 14.58 -3.93
N ALA A 45 9.56 14.17 -5.20
CA ALA A 45 10.84 13.85 -5.82
C ALA A 45 11.70 15.09 -5.90
N ASN A 46 11.13 16.19 -6.37
CA ASN A 46 11.88 17.43 -6.50
C ASN A 46 12.41 17.99 -5.20
N SER A 47 11.60 17.98 -4.15
CA SER A 47 12.07 18.50 -2.87
C SER A 47 13.23 17.62 -2.37
N LEU A 48 13.13 16.31 -2.58
CA LEU A 48 14.21 15.42 -2.15
C LEU A 48 15.46 15.66 -2.98
N LEU A 49 15.28 15.98 -4.26
CA LEU A 49 16.43 16.27 -5.12
C LEU A 49 17.12 17.54 -4.59
N GLU A 50 16.31 18.54 -4.24
CA GLU A 50 16.86 19.78 -3.72
C GLU A 50 17.66 19.48 -2.46
N ARG A 51 17.14 18.59 -1.63
CA ARG A 51 17.83 18.24 -0.41
C ARG A 51 19.11 17.47 -0.71
N LEU A 52 19.05 16.55 -1.67
CA LEU A 52 20.24 15.79 -2.04
C LEU A 52 21.31 16.73 -2.61
N GLU A 53 20.89 17.78 -3.32
CA GLU A 53 21.84 18.73 -3.88
C GLU A 53 22.61 19.39 -2.74
N LYS A 54 21.91 19.72 -1.66
CA LYS A 54 22.54 20.34 -0.50
C LYS A 54 23.54 19.38 0.15
N VAL A 55 23.25 18.09 0.14
CA VAL A 55 24.17 17.11 0.70
C VAL A 55 25.43 17.10 -0.16
N VAL A 56 25.24 17.07 -1.47
CA VAL A 56 26.35 17.05 -2.42
C VAL A 56 27.21 18.32 -2.32
N LYS A 57 26.56 19.47 -2.28
CA LYS A 57 27.26 20.76 -2.18
C LYS A 57 27.88 20.95 -0.80
N GLY A 58 27.38 20.22 0.18
CA GLY A 58 27.93 20.35 1.52
C GLY A 58 27.19 21.36 2.37
N ASP A 59 26.09 21.92 1.86
CA ASP A 59 25.33 22.89 2.63
C ASP A 59 24.66 22.16 3.79
N LEU A 60 24.49 20.86 3.64
CA LEU A 60 23.94 20.00 4.68
C LEU A 60 25.14 19.16 5.05
N GLN A 61 25.72 19.39 6.22
CA GLN A 61 26.88 18.61 6.61
C GLN A 61 26.55 17.37 7.40
N THR A 62 27.59 16.57 7.66
CA THR A 62 27.46 15.34 8.41
C THR A 62 26.61 15.55 9.65
N GLY A 63 25.62 14.69 9.85
CA GLY A 63 24.75 14.81 11.02
C GLY A 63 23.54 15.67 10.78
N GLN A 64 23.40 16.18 9.57
CA GLN A 64 22.27 17.03 9.25
C GLN A 64 21.39 16.37 8.21
N TYR A 65 21.53 15.06 8.06
CA TYR A 65 20.73 14.32 7.10
C TYR A 65 20.97 12.84 7.28
N ASP A 66 20.02 12.04 6.84
CA ASP A 66 20.14 10.59 6.93
C ASP A 66 19.93 10.13 5.50
N ILE A 67 21.05 9.85 4.84
CA ILE A 67 21.08 9.47 3.44
C ILE A 67 20.08 8.38 3.00
N GLN A 68 19.88 7.35 3.81
CA GLN A 68 18.93 6.32 3.42
C GLN A 68 17.51 6.87 3.31
N GLY A 69 17.22 7.90 4.10
CA GLY A 69 15.90 8.49 4.06
C GLY A 69 15.71 9.24 2.75
N ILE A 70 16.78 9.92 2.31
CA ILE A 70 16.73 10.69 1.07
C ILE A 70 16.68 9.76 -0.14
N ILE A 71 17.61 8.81 -0.19
CA ILE A 71 17.71 7.85 -1.28
C ILE A 71 16.46 6.99 -1.44
N ARG A 72 15.94 6.47 -0.33
CA ARG A 72 14.75 5.63 -0.40
C ARG A 72 13.52 6.48 -0.71
N GLY A 73 13.50 7.72 -0.24
CA GLY A 73 12.38 8.61 -0.52
C GLY A 73 12.39 8.95 -2.00
N LEU A 74 13.58 8.99 -2.59
CA LEU A 74 13.71 9.28 -4.00
C LEU A 74 13.20 8.11 -4.85
N THR A 75 13.55 6.88 -4.49
CA THR A 75 13.06 5.78 -5.31
C THR A 75 11.54 5.68 -5.22
N PHE A 76 11.00 6.03 -4.05
CA PHE A 76 9.55 6.00 -3.84
C PHE A 76 8.85 7.03 -4.72
N ASN A 77 9.25 8.28 -4.60
CA ASN A 77 8.66 9.39 -5.37
C ASN A 77 8.98 9.37 -6.86
N ILE A 78 10.21 9.04 -7.23
CA ILE A 78 10.56 9.01 -8.64
C ILE A 78 9.76 7.94 -9.36
N ASN A 79 9.67 6.75 -8.77
CA ASN A 79 8.89 5.68 -9.37
C ASN A 79 7.42 6.06 -9.33
N GLY A 80 7.02 6.72 -8.24
CA GLY A 80 5.63 7.15 -8.12
C GLY A 80 5.26 8.00 -9.32
N HIS A 81 6.17 8.89 -9.69
CA HIS A 81 5.96 9.76 -10.84
C HIS A 81 6.03 9.00 -12.16
N LYS A 82 7.14 8.30 -12.39
CA LYS A 82 7.32 7.56 -13.63
C LYS A 82 6.22 6.54 -13.91
N LEU A 83 5.85 5.74 -12.91
CA LEU A 83 4.80 4.74 -13.10
C LEU A 83 3.43 5.35 -13.40
N HIS A 84 3.09 6.46 -12.75
CA HIS A 84 1.80 7.08 -13.03
C HIS A 84 1.82 7.65 -14.44
N ALA A 85 2.96 8.22 -14.84
CA ALA A 85 3.09 8.79 -16.17
C ALA A 85 2.88 7.70 -17.22
N LEU A 86 3.36 6.50 -16.92
CA LEU A 86 3.19 5.39 -17.84
C LEU A 86 1.73 4.95 -17.81
N TYR A 87 1.16 4.94 -16.61
CA TYR A 87 -0.21 4.54 -16.39
C TYR A 87 -1.20 5.34 -17.22
N TRP A 88 -1.09 6.67 -17.19
CA TRP A 88 -2.00 7.54 -17.94
C TRP A 88 -1.92 7.26 -19.44
N GLU A 89 -0.70 7.15 -19.95
CA GLU A 89 -0.47 6.89 -21.37
C GLU A 89 -0.83 5.47 -21.78
N ASN A 90 -0.94 4.57 -20.80
CA ASN A 90 -1.25 3.18 -21.10
C ASN A 90 -2.76 2.96 -21.19
N MET A 91 -3.53 4.03 -20.99
CA MET A 91 -4.97 3.94 -21.07
C MET A 91 -5.52 4.95 -22.07
N ALA A 92 -6.77 4.75 -22.48
CA ALA A 92 -7.42 5.63 -23.44
C ALA A 92 -8.92 5.43 -23.35
N PRO A 93 -9.72 6.47 -23.66
CA PRO A 93 -11.17 6.32 -23.59
C PRO A 93 -11.63 5.12 -24.41
N SER A 94 -12.70 4.46 -23.97
CA SER A 94 -13.23 3.30 -24.68
C SER A 94 -13.33 3.62 -26.17
N GLY A 95 -12.91 2.67 -26.99
CA GLY A 95 -12.90 2.87 -28.44
C GLY A 95 -11.44 2.89 -28.77
N LYS A 96 -10.81 4.01 -28.44
CA LYS A 96 -9.38 4.19 -28.65
C LYS A 96 -8.71 3.18 -27.69
N GLY A 97 -9.34 2.96 -26.54
CA GLY A 97 -8.85 2.02 -25.54
C GLY A 97 -9.68 0.75 -25.53
N GLY A 98 -9.14 -0.31 -24.93
CA GLY A 98 -9.85 -1.56 -24.88
C GLY A 98 -9.62 -2.43 -26.10
N GLY A 99 -10.32 -3.55 -26.18
CA GLY A 99 -10.17 -4.42 -27.32
C GLY A 99 -8.95 -5.31 -27.18
N LYS A 100 -8.37 -5.72 -28.30
CA LYS A 100 -7.21 -6.60 -28.28
C LYS A 100 -6.03 -5.99 -29.02
N PRO A 101 -4.80 -6.43 -28.70
CA PRO A 101 -3.60 -5.91 -29.35
C PRO A 101 -3.40 -6.55 -30.71
N GLY A 102 -2.70 -5.86 -31.59
CA GLY A 102 -2.41 -6.40 -32.90
C GLY A 102 -0.91 -6.40 -33.13
N GLY A 103 -0.50 -6.37 -34.39
CA GLY A 103 0.92 -6.34 -34.71
C GLY A 103 1.82 -7.31 -33.99
N ALA A 104 3.07 -6.89 -33.79
CA ALA A 104 4.07 -7.70 -33.12
C ALA A 104 3.67 -8.10 -31.71
N LEU A 105 3.04 -7.19 -30.98
CA LEU A 105 2.62 -7.46 -29.61
C LEU A 105 1.70 -8.67 -29.58
N ALA A 106 0.70 -8.69 -30.46
CA ALA A 106 -0.25 -9.80 -30.53
C ALA A 106 0.48 -11.09 -30.85
N ASP A 107 1.42 -11.04 -31.78
CA ASP A 107 2.14 -12.25 -32.17
C ASP A 107 2.96 -12.79 -31.00
N LEU A 108 3.68 -11.91 -30.31
CA LEU A 108 4.48 -12.34 -29.17
C LEU A 108 3.57 -12.96 -28.11
N ILE A 109 2.42 -12.33 -27.88
CA ILE A 109 1.48 -12.83 -26.88
C ILE A 109 1.00 -14.23 -27.27
N ASN A 110 0.74 -14.46 -28.55
CA ASN A 110 0.29 -15.77 -28.98
C ASN A 110 1.38 -16.81 -28.83
N LYS A 111 2.62 -16.44 -29.13
CA LYS A 111 3.73 -17.40 -29.03
C LYS A 111 4.05 -17.80 -27.60
N GLN A 112 3.90 -16.85 -26.69
CA GLN A 112 4.23 -17.11 -25.30
C GLN A 112 3.05 -17.49 -24.42
N TYR A 113 1.85 -17.08 -24.77
CA TYR A 113 0.68 -17.42 -23.96
C TYR A 113 -0.40 -18.20 -24.68
N GLY A 114 -0.17 -18.49 -25.96
CA GLY A 114 -1.14 -19.25 -26.72
C GLY A 114 -2.18 -18.36 -27.38
N SER A 115 -2.64 -17.36 -26.64
CA SER A 115 -3.65 -16.44 -27.16
C SER A 115 -3.79 -15.27 -26.21
N PHE A 116 -4.41 -14.20 -26.71
CA PHE A 116 -4.65 -13.02 -25.89
C PHE A 116 -5.55 -13.42 -24.72
N ASP A 117 -6.57 -14.24 -25.00
CA ASP A 117 -7.50 -14.67 -23.95
C ASP A 117 -6.76 -15.33 -22.79
N ARG A 118 -5.84 -16.23 -23.12
CA ARG A 118 -5.11 -16.90 -22.07
C ARG A 118 -4.28 -15.85 -21.32
N PHE A 119 -3.57 -15.02 -22.06
CA PHE A 119 -2.75 -13.97 -21.44
C PHE A 119 -3.58 -13.14 -20.46
N LYS A 120 -4.74 -12.70 -20.90
CA LYS A 120 -5.62 -11.89 -20.06
C LYS A 120 -5.90 -12.60 -18.74
N GLN A 121 -6.19 -13.89 -18.82
CA GLN A 121 -6.47 -14.69 -17.63
C GLN A 121 -5.30 -14.72 -16.67
N VAL A 122 -4.13 -15.07 -17.18
CA VAL A 122 -2.93 -15.15 -16.37
C VAL A 122 -2.56 -13.80 -15.77
N PHE A 123 -2.73 -12.73 -16.53
CA PHE A 123 -2.39 -11.39 -16.04
C PHE A 123 -3.35 -10.98 -14.94
N THR A 124 -4.63 -11.22 -15.18
CA THR A 124 -5.66 -10.87 -14.22
C THR A 124 -5.43 -11.64 -12.93
N GLU A 125 -5.11 -12.92 -13.07
CA GLU A 125 -4.85 -13.79 -11.93
C GLU A 125 -3.65 -13.29 -11.14
N THR A 126 -2.60 -12.92 -11.84
CA THR A 126 -1.38 -12.44 -11.21
C THR A 126 -1.62 -11.09 -10.55
N ALA A 127 -2.36 -10.22 -11.22
CA ALA A 127 -2.66 -8.91 -10.67
C ALA A 127 -3.45 -9.03 -9.35
N ASN A 128 -4.43 -9.93 -9.33
CA ASN A 128 -5.24 -10.11 -8.14
C ASN A 128 -4.51 -10.79 -6.99
N SER A 129 -3.42 -11.47 -7.29
CA SER A 129 -2.65 -12.17 -6.26
C SER A 129 -1.76 -11.21 -5.48
N LEU A 130 -1.61 -9.99 -5.98
CA LEU A 130 -0.76 -8.99 -5.33
C LEU A 130 -1.18 -8.72 -3.89
N PRO A 131 -0.30 -9.03 -2.93
CA PRO A 131 -0.59 -8.81 -1.51
C PRO A 131 -0.34 -7.35 -1.13
N GLY A 132 -1.40 -6.58 -1.00
CA GLY A 132 -1.25 -5.17 -0.65
C GLY A 132 -1.29 -4.27 -1.86
N THR A 133 -0.78 -3.06 -1.70
CA THR A 133 -0.78 -2.08 -2.77
C THR A 133 0.45 -2.21 -3.67
N GLY A 134 0.31 -1.77 -4.92
CA GLY A 134 1.41 -1.86 -5.84
C GLY A 134 0.95 -1.77 -7.28
N TRP A 135 1.60 -2.53 -8.16
CA TRP A 135 1.29 -2.53 -9.58
C TRP A 135 1.44 -3.90 -10.21
N ALA A 136 0.86 -4.03 -11.40
CA ALA A 136 0.96 -5.26 -12.18
C ALA A 136 1.44 -4.73 -13.53
N VAL A 137 2.53 -5.29 -14.05
CA VAL A 137 3.04 -4.84 -15.34
C VAL A 137 3.42 -5.98 -16.26
N LEU A 138 3.50 -5.66 -17.54
CA LEU A 138 3.93 -6.62 -18.54
C LEU A 138 5.19 -5.98 -19.11
N TYR A 139 6.31 -6.65 -18.90
CA TYR A 139 7.58 -6.16 -19.40
C TYR A 139 7.89 -6.79 -20.74
N TYR A 140 8.77 -6.14 -21.49
CA TYR A 140 9.26 -6.72 -22.70
C TYR A 140 10.73 -6.83 -22.33
N ASP A 141 11.19 -8.04 -22.06
CA ASP A 141 12.58 -8.22 -21.71
C ASP A 141 13.35 -8.19 -23.02
N THR A 142 14.16 -7.15 -23.21
CA THR A 142 14.95 -7.00 -24.42
C THR A 142 16.04 -8.04 -24.50
N GLU A 143 16.33 -8.70 -23.38
CA GLU A 143 17.38 -9.72 -23.37
C GLU A 143 16.87 -11.05 -23.90
N SER A 144 15.78 -11.53 -23.33
CA SER A 144 15.21 -12.82 -23.72
C SER A 144 14.10 -12.69 -24.76
N GLY A 145 13.49 -11.51 -24.85
CA GLY A 145 12.40 -11.33 -25.79
C GLY A 145 11.10 -11.78 -25.14
N ASN A 146 11.16 -12.06 -23.83
CA ASN A 146 9.97 -12.51 -23.11
C ASN A 146 9.09 -11.37 -22.66
N LEU A 147 7.78 -11.57 -22.78
CA LEU A 147 6.81 -10.59 -22.31
C LEU A 147 6.63 -11.10 -20.86
N GLN A 148 7.43 -10.55 -19.95
CA GLN A 148 7.42 -10.94 -18.54
C GLN A 148 6.44 -10.22 -17.65
N ILE A 149 5.55 -10.98 -17.02
CA ILE A 149 4.56 -10.41 -16.11
C ILE A 149 5.23 -10.20 -14.75
N MET A 150 4.83 -9.15 -14.04
CA MET A 150 5.40 -8.87 -12.73
C MET A 150 4.47 -8.01 -11.90
N THR A 151 4.51 -8.20 -10.59
CA THR A 151 3.72 -7.38 -9.69
C THR A 151 4.72 -6.63 -8.82
N PHE A 152 4.49 -5.33 -8.66
CA PHE A 152 5.33 -4.48 -7.83
C PHE A 152 4.62 -4.32 -6.49
N GLU A 153 5.40 -4.20 -5.42
CA GLU A 153 4.82 -3.94 -4.10
C GLU A 153 5.26 -2.50 -3.87
N ASN A 154 4.29 -1.64 -3.55
CA ASN A 154 4.54 -0.21 -3.40
C ASN A 154 4.98 0.22 -4.80
N HIS A 155 5.66 1.34 -4.95
CA HIS A 155 6.08 1.80 -6.28
C HIS A 155 7.47 1.33 -6.70
N PHE A 156 8.27 0.89 -5.73
CA PHE A 156 9.65 0.55 -6.00
C PHE A 156 10.17 -0.86 -5.72
N GLN A 157 9.29 -1.81 -5.40
CA GLN A 157 9.78 -3.16 -5.13
C GLN A 157 9.35 -4.17 -6.19
N ASN A 158 10.31 -5.01 -6.60
CA ASN A 158 10.12 -6.08 -7.59
C ASN A 158 10.38 -5.74 -9.06
N HIS A 159 10.79 -4.50 -9.36
CA HIS A 159 11.07 -4.13 -10.73
C HIS A 159 12.17 -5.02 -11.28
N ILE A 160 12.24 -5.13 -12.60
CA ILE A 160 13.30 -5.88 -13.26
C ILE A 160 14.12 -4.80 -13.94
N ALA A 161 15.42 -4.82 -13.69
CA ALA A 161 16.34 -3.82 -14.21
C ALA A 161 16.32 -3.48 -15.69
N GLU A 162 16.35 -2.18 -15.94
CA GLU A 162 16.45 -1.62 -17.29
C GLU A 162 15.43 -1.94 -18.37
N ILE A 163 14.64 -3.00 -18.25
CA ILE A 163 13.70 -3.28 -19.33
C ILE A 163 12.42 -2.44 -19.31
N PRO A 164 11.83 -2.21 -20.49
CA PRO A 164 10.61 -1.43 -20.68
C PRO A 164 9.30 -2.06 -20.26
N ILE A 165 8.41 -1.22 -19.74
CA ILE A 165 7.08 -1.62 -19.31
C ILE A 165 6.17 -1.38 -20.50
N ILE A 166 5.42 -2.41 -20.89
CA ILE A 166 4.52 -2.31 -22.03
C ILE A 166 3.09 -2.13 -21.57
N LEU A 167 2.75 -2.86 -20.51
CA LEU A 167 1.42 -2.82 -19.92
C LEU A 167 1.60 -2.47 -18.45
N ILE A 168 0.80 -1.56 -17.92
CA ILE A 168 0.92 -1.21 -16.51
C ILE A 168 -0.43 -0.96 -15.88
N LEU A 169 -0.66 -1.63 -14.75
CA LEU A 169 -1.92 -1.49 -14.01
C LEU A 169 -1.65 -1.02 -12.58
N ASP A 170 -2.24 0.11 -12.20
CA ASP A 170 -2.07 0.65 -10.85
C ASP A 170 -2.96 -0.12 -9.87
N GLU A 171 -2.36 -0.66 -8.81
CA GLU A 171 -3.12 -1.40 -7.84
C GLU A 171 -3.13 -0.80 -6.44
N PHE A 172 -2.81 0.49 -6.33
CA PHE A 172 -2.87 1.15 -5.03
C PHE A 172 -4.37 1.35 -4.87
N GLU A 173 -4.84 1.43 -3.63
CA GLU A 173 -6.27 1.57 -3.40
C GLU A 173 -6.89 2.85 -3.95
N HIS A 174 -6.11 3.94 -4.02
CA HIS A 174 -6.63 5.21 -4.53
C HIS A 174 -6.95 5.16 -6.02
N ALA A 175 -6.56 4.09 -6.68
CA ALA A 175 -6.83 3.96 -8.11
C ALA A 175 -8.24 3.44 -8.36
N TYR A 176 -8.89 2.95 -7.32
CA TYR A 176 -10.23 2.38 -7.50
C TYR A 176 -11.20 2.48 -6.31
N TYR A 177 -10.68 2.73 -5.12
CA TYR A 177 -11.53 2.75 -3.94
C TYR A 177 -12.81 3.57 -3.98
N LEU A 178 -12.72 4.84 -4.37
CA LEU A 178 -13.90 5.70 -4.43
C LEU A 178 -15.03 5.10 -5.25
N GLN A 179 -14.70 4.27 -6.24
CA GLN A 179 -15.73 3.68 -7.08
C GLN A 179 -16.01 2.22 -6.77
N TYR A 180 -14.95 1.45 -6.56
CA TYR A 180 -15.08 0.01 -6.30
C TYR A 180 -14.90 -0.43 -4.86
N LYS A 181 -14.55 0.51 -3.98
CA LYS A 181 -14.29 0.19 -2.58
C LYS A 181 -13.23 -0.91 -2.54
N ASN A 182 -13.45 -1.93 -1.72
CA ASN A 182 -12.45 -2.99 -1.61
C ASN A 182 -12.50 -4.08 -2.68
N LYS A 183 -13.32 -3.89 -3.72
CA LYS A 183 -13.41 -4.90 -4.78
C LYS A 183 -12.39 -4.68 -5.90
N ARG A 184 -11.11 -4.75 -5.55
CA ARG A 184 -10.04 -4.55 -6.52
C ARG A 184 -10.19 -5.40 -7.78
N ALA A 185 -10.65 -6.64 -7.61
CA ALA A 185 -10.82 -7.55 -8.75
C ALA A 185 -11.79 -7.03 -9.80
N ASP A 186 -12.82 -6.30 -9.36
CA ASP A 186 -13.79 -5.76 -10.31
C ASP A 186 -13.15 -4.61 -11.09
N TYR A 187 -12.30 -3.86 -10.41
CA TYR A 187 -11.58 -2.75 -11.02
C TYR A 187 -10.63 -3.32 -12.07
N VAL A 188 -9.96 -4.41 -11.73
CA VAL A 188 -9.05 -5.05 -12.66
C VAL A 188 -9.78 -5.48 -13.93
N ASN A 189 -10.97 -6.07 -13.76
CA ASN A 189 -11.75 -6.51 -14.92
C ASN A 189 -12.15 -5.33 -15.79
N ALA A 190 -12.60 -4.24 -15.14
CA ALA A 190 -13.02 -3.05 -15.86
C ALA A 190 -11.88 -2.36 -16.60
N TRP A 191 -10.69 -2.42 -16.02
CA TRP A 191 -9.50 -1.79 -16.60
C TRP A 191 -9.18 -2.26 -18.02
N TRP A 192 -9.40 -3.54 -18.31
CA TRP A 192 -9.10 -4.05 -19.64
C TRP A 192 -9.79 -3.25 -20.74
N ASN A 193 -10.92 -2.65 -20.40
CA ASN A 193 -11.70 -1.86 -21.35
C ASN A 193 -11.09 -0.53 -21.75
N VAL A 194 -10.05 -0.09 -21.04
CA VAL A 194 -9.43 1.19 -21.39
C VAL A 194 -7.93 1.07 -21.67
N VAL A 195 -7.43 -0.15 -21.82
CA VAL A 195 -6.01 -0.36 -22.11
C VAL A 195 -5.69 0.20 -23.49
N ASN A 196 -4.64 1.01 -23.57
CA ASN A 196 -4.24 1.60 -24.83
C ASN A 196 -3.31 0.65 -25.59
N TRP A 197 -3.91 -0.36 -26.21
CA TRP A 197 -3.15 -1.35 -26.96
C TRP A 197 -2.31 -0.79 -28.08
N ASP A 198 -2.79 0.28 -28.73
CA ASP A 198 -2.03 0.90 -29.82
C ASP A 198 -0.74 1.50 -29.27
N ALA A 199 -0.84 2.23 -28.16
CA ALA A 199 0.35 2.83 -27.57
C ALA A 199 1.31 1.71 -27.17
N ALA A 200 0.74 0.62 -26.64
CA ALA A 200 1.54 -0.53 -26.24
C ALA A 200 2.32 -1.11 -27.42
N GLU A 201 1.62 -1.31 -28.54
CA GLU A 201 2.27 -1.85 -29.75
C GLU A 201 3.35 -0.90 -30.23
N LYS A 202 3.05 0.40 -30.14
CA LYS A 202 3.98 1.43 -30.56
C LYS A 202 5.25 1.38 -29.70
N LYS A 203 5.09 1.28 -28.39
CA LYS A 203 6.26 1.22 -27.51
C LYS A 203 7.07 -0.05 -27.76
N LEU A 204 6.39 -1.18 -27.89
CA LEU A 204 7.09 -2.43 -28.16
C LEU A 204 7.96 -2.31 -29.42
N GLN A 205 7.38 -1.76 -30.47
CA GLN A 205 8.09 -1.59 -31.75
C GLN A 205 9.46 -0.96 -31.56
N LYS A 206 9.54 0.04 -30.70
CA LYS A 206 10.79 0.73 -30.43
C LYS A 206 11.93 -0.18 -29.97
N TYR A 207 11.60 -1.33 -29.40
CA TYR A 207 12.64 -2.24 -28.92
C TYR A 207 12.82 -3.47 -29.78
N LEU A 208 12.20 -3.48 -30.95
CA LEU A 208 12.33 -4.62 -31.85
C LEU A 208 13.30 -4.28 -32.99
N ILE B 4 -3.85 -34.35 11.67
CA ILE B 4 -2.95 -33.20 11.96
C ILE B 4 -3.41 -31.96 11.19
N GLN B 5 -3.26 -30.79 11.81
CA GLN B 5 -3.65 -29.55 11.17
C GLN B 5 -3.27 -28.37 12.06
N PHE B 6 -3.58 -27.17 11.58
CA PHE B 6 -3.31 -25.93 12.29
C PHE B 6 -4.65 -25.36 12.72
N LYS B 7 -4.67 -24.64 13.84
CA LYS B 7 -5.91 -24.04 14.30
C LYS B 7 -6.17 -22.82 13.43
N LYS B 8 -7.43 -22.58 13.10
CA LYS B 8 -7.78 -21.44 12.25
C LYS B 8 -7.99 -20.17 13.04
N TYR B 9 -7.88 -19.03 12.37
CA TYR B 9 -8.07 -17.75 13.00
C TYR B 9 -9.54 -17.35 12.99
N GLU B 10 -9.91 -16.48 13.92
CA GLU B 10 -11.27 -16.01 14.03
C GLU B 10 -11.37 -14.50 14.09
N LEU B 11 -12.31 -13.95 13.33
CA LEU B 11 -12.54 -12.52 13.29
C LEU B 11 -13.09 -12.10 14.64
N PRO B 12 -12.37 -11.22 15.35
CA PRO B 12 -12.89 -10.80 16.65
C PRO B 12 -14.06 -9.85 16.45
N PRO B 13 -15.00 -9.81 17.40
CA PRO B 13 -16.13 -8.90 17.23
C PRO B 13 -15.64 -7.47 17.40
N LEU B 14 -16.30 -6.53 16.73
CA LEU B 14 -15.94 -5.12 16.82
C LEU B 14 -16.26 -4.71 18.27
N PRO B 15 -15.40 -3.87 18.88
CA PRO B 15 -15.63 -3.43 20.26
C PRO B 15 -16.72 -2.37 20.44
N TYR B 16 -17.25 -1.89 19.32
CA TYR B 16 -18.27 -0.85 19.34
C TYR B 16 -19.05 -0.88 18.04
N LYS B 17 -20.06 -0.03 17.94
CA LYS B 17 -20.88 0.06 16.75
C LYS B 17 -20.00 0.64 15.65
N ILE B 18 -20.36 0.42 14.39
CA ILE B 18 -19.57 0.93 13.28
C ILE B 18 -19.53 2.46 13.16
N ASP B 19 -20.45 3.14 13.84
CA ASP B 19 -20.51 4.60 13.78
C ASP B 19 -19.95 5.24 15.05
N ALA B 20 -19.51 4.41 15.99
CA ALA B 20 -18.99 4.89 17.26
C ALA B 20 -17.81 5.84 17.13
N LEU B 21 -17.07 5.76 16.03
CA LEU B 21 -15.89 6.60 15.87
C LEU B 21 -16.12 7.91 15.13
N GLU B 22 -17.35 8.17 14.69
CA GLU B 22 -17.64 9.42 14.01
C GLU B 22 -17.49 10.56 15.01
N PRO B 23 -17.18 11.77 14.52
CA PRO B 23 -16.96 12.11 13.11
C PRO B 23 -15.52 11.92 12.63
N TYR B 24 -14.69 11.31 13.46
CA TYR B 24 -13.29 11.13 13.11
C TYR B 24 -13.06 10.07 12.03
N ILE B 25 -13.84 8.99 12.06
CA ILE B 25 -13.75 7.95 11.05
C ILE B 25 -15.20 7.54 10.79
N SER B 26 -15.69 7.84 9.58
CA SER B 26 -17.07 7.53 9.21
C SER B 26 -17.46 6.08 9.37
N LYS B 27 -18.74 5.83 9.60
CA LYS B 27 -19.22 4.47 9.76
C LYS B 27 -19.07 3.70 8.45
N ASP B 28 -19.09 4.40 7.31
CA ASP B 28 -18.93 3.75 6.02
C ASP B 28 -17.56 3.11 5.92
N ILE B 29 -16.54 3.82 6.41
CA ILE B 29 -15.19 3.28 6.39
C ILE B 29 -15.12 2.08 7.32
N ILE B 30 -15.53 2.27 8.57
CA ILE B 30 -15.50 1.20 9.56
C ILE B 30 -16.21 -0.05 9.09
N ASP B 31 -17.39 0.13 8.51
CA ASP B 31 -18.18 -0.99 8.02
C ASP B 31 -17.41 -1.91 7.07
N VAL B 32 -16.87 -1.34 5.99
CA VAL B 32 -16.13 -2.15 5.02
C VAL B 32 -14.74 -2.50 5.54
N HIS B 33 -14.18 -1.64 6.38
CA HIS B 33 -12.86 -1.87 6.93
C HIS B 33 -12.86 -3.14 7.78
N TYR B 34 -13.93 -3.33 8.55
CA TYR B 34 -14.05 -4.49 9.42
C TYR B 34 -14.65 -5.69 8.68
N ASN B 35 -15.86 -5.51 8.14
CA ASN B 35 -16.55 -6.60 7.44
C ASN B 35 -15.95 -6.98 6.10
N GLY B 36 -15.18 -6.07 5.52
CA GLY B 36 -14.57 -6.37 4.23
C GLY B 36 -13.09 -6.70 4.34
N HIS B 37 -12.30 -5.70 4.71
CA HIS B 37 -10.85 -5.89 4.82
C HIS B 37 -10.39 -6.86 5.92
N HIS B 38 -10.78 -6.63 7.17
CA HIS B 38 -10.35 -7.52 8.25
C HIS B 38 -10.83 -8.95 8.01
N LYS B 39 -12.10 -9.12 7.69
CA LYS B 39 -12.62 -10.46 7.42
C LYS B 39 -11.83 -11.12 6.29
N GLY B 40 -11.44 -10.33 5.30
CA GLY B 40 -10.67 -10.86 4.20
C GLY B 40 -9.34 -11.47 4.64
N PHE B 41 -8.74 -10.89 5.67
CA PHE B 41 -7.45 -11.39 6.17
C PHE B 41 -7.61 -12.68 6.93
N VAL B 42 -8.66 -12.78 7.73
CA VAL B 42 -8.92 -13.98 8.47
C VAL B 42 -9.11 -15.12 7.46
N ASN B 43 -9.94 -14.87 6.46
CA ASN B 43 -10.23 -15.86 5.43
C ASN B 43 -8.97 -16.21 4.62
N GLY B 44 -8.20 -15.20 4.25
CA GLY B 44 -6.99 -15.44 3.50
C GLY B 44 -5.98 -16.25 4.29
N ALA B 45 -5.85 -15.93 5.57
CA ALA B 45 -4.92 -16.65 6.43
C ALA B 45 -5.35 -18.11 6.55
N ASN B 46 -6.64 -18.33 6.83
CA ASN B 46 -7.15 -19.67 6.98
C ASN B 46 -7.03 -20.54 5.74
N SER B 47 -7.35 -19.99 4.57
CA SER B 47 -7.23 -20.79 3.36
C SER B 47 -5.76 -21.16 3.12
N LEU B 48 -4.85 -20.24 3.42
CA LEU B 48 -3.44 -20.54 3.24
C LEU B 48 -2.98 -21.59 4.25
N LEU B 49 -3.56 -21.55 5.46
CA LEU B 49 -3.21 -22.56 6.47
C LEU B 49 -3.67 -23.93 5.97
N GLU B 50 -4.87 -23.96 5.41
CA GLU B 50 -5.41 -25.21 4.88
C GLU B 50 -4.48 -25.74 3.81
N ARG B 51 -3.98 -24.84 2.98
CA ARG B 51 -3.07 -25.24 1.91
C ARG B 51 -1.75 -25.73 2.50
N LEU B 52 -1.24 -25.02 3.51
CA LEU B 52 0.01 -25.43 4.12
C LEU B 52 -0.14 -26.80 4.79
N GLU B 53 -1.31 -27.08 5.33
CA GLU B 53 -1.56 -28.37 5.96
C GLU B 53 -1.39 -29.47 4.91
N LYS B 54 -1.90 -29.22 3.70
CA LYS B 54 -1.80 -30.20 2.62
C LYS B 54 -0.34 -30.41 2.23
N VAL B 55 0.47 -29.36 2.30
CA VAL B 55 1.89 -29.50 1.98
C VAL B 55 2.53 -30.40 3.03
N VAL B 56 2.21 -30.12 4.29
CA VAL B 56 2.76 -30.89 5.41
C VAL B 56 2.34 -32.36 5.35
N LYS B 57 1.05 -32.59 5.11
CA LYS B 57 0.52 -33.96 5.03
C LYS B 57 0.97 -34.67 3.77
N GLY B 58 1.40 -33.89 2.77
CA GLY B 58 1.85 -34.51 1.54
C GLY B 58 0.76 -34.64 0.50
N ASP B 59 -0.43 -34.12 0.78
CA ASP B 59 -1.51 -34.20 -0.19
C ASP B 59 -1.18 -33.31 -1.39
N LEU B 60 -0.30 -32.34 -1.15
CA LEU B 60 0.18 -31.47 -2.21
C LEU B 60 1.64 -31.89 -2.30
N GLN B 61 2.02 -32.57 -3.36
CA GLN B 61 3.40 -33.00 -3.50
C GLN B 61 4.29 -32.01 -4.24
N THR B 62 5.58 -32.33 -4.26
CA THR B 62 6.58 -31.50 -4.91
C THR B 62 6.09 -31.09 -6.30
N GLY B 63 6.17 -29.79 -6.59
CA GLY B 63 5.74 -29.30 -7.88
C GLY B 63 4.29 -28.89 -7.93
N GLN B 64 3.61 -29.02 -6.80
CA GLN B 64 2.21 -28.65 -6.73
C GLN B 64 2.00 -27.47 -5.81
N TYR B 65 3.07 -26.75 -5.53
CA TYR B 65 2.98 -25.58 -4.66
C TYR B 65 4.31 -24.85 -4.68
N ASP B 66 4.26 -23.56 -4.35
CA ASP B 66 5.46 -22.75 -4.30
C ASP B 66 5.44 -22.18 -2.88
N ILE B 67 6.24 -22.83 -2.03
CA ILE B 67 6.32 -22.48 -0.63
C ILE B 67 6.46 -21.00 -0.27
N GLN B 68 7.27 -20.25 -1.01
CA GLN B 68 7.41 -18.83 -0.70
C GLN B 68 6.09 -18.08 -0.88
N GLY B 69 5.26 -18.56 -1.80
CA GLY B 69 3.97 -17.93 -2.02
C GLY B 69 3.06 -18.17 -0.83
N ILE B 70 3.13 -19.38 -0.27
CA ILE B 70 2.30 -19.73 0.88
C ILE B 70 2.78 -19.01 2.15
N ILE B 71 4.08 -19.11 2.42
CA ILE B 71 4.69 -18.50 3.59
C ILE B 71 4.55 -16.97 3.60
N ARG B 72 4.82 -16.34 2.47
CA ARG B 72 4.72 -14.88 2.41
C ARG B 72 3.25 -14.45 2.44
N GLY B 73 2.37 -15.27 1.86
CA GLY B 73 0.95 -14.95 1.89
C GLY B 73 0.45 -15.04 3.32
N LEU B 74 1.05 -15.94 4.08
CA LEU B 74 0.67 -16.12 5.48
C LEU B 74 1.11 -14.92 6.32
N THR B 75 2.34 -14.43 6.13
CA THR B 75 2.75 -13.29 6.92
C THR B 75 1.90 -12.07 6.59
N PHE B 76 1.49 -11.95 5.33
CA PHE B 76 0.66 -10.85 4.88
C PHE B 76 -0.73 -10.89 5.55
N ASN B 77 -1.42 -12.01 5.40
CA ASN B 77 -2.75 -12.19 5.97
C ASN B 77 -2.80 -12.30 7.50
N ILE B 78 -1.85 -13.02 8.09
CA ILE B 78 -1.85 -13.16 9.54
C ILE B 78 -1.64 -11.80 10.20
N ASN B 79 -0.68 -11.02 9.70
CA ASN B 79 -0.44 -9.69 10.24
C ASN B 79 -1.63 -8.80 9.92
N GLY B 80 -2.21 -9.00 8.73
CA GLY B 80 -3.36 -8.22 8.36
C GLY B 80 -4.44 -8.38 9.40
N HIS B 81 -4.63 -9.62 9.84
CA HIS B 81 -5.63 -9.92 10.86
C HIS B 81 -5.22 -9.38 12.24
N LYS B 82 -4.03 -9.77 12.71
CA LYS B 82 -3.55 -9.34 14.01
C LYS B 82 -3.51 -7.83 14.18
N LEU B 83 -2.96 -7.12 13.21
CA LEU B 83 -2.86 -5.67 13.29
C LEU B 83 -4.22 -4.97 13.32
N HIS B 84 -5.17 -5.45 12.53
CA HIS B 84 -6.50 -4.84 12.54
C HIS B 84 -7.17 -5.12 13.89
N ALA B 85 -6.96 -6.31 14.42
CA ALA B 85 -7.55 -6.67 15.71
C ALA B 85 -7.01 -5.74 16.78
N LEU B 86 -5.74 -5.37 16.68
CA LEU B 86 -5.14 -4.46 17.64
C LEU B 86 -5.70 -3.06 17.40
N TYR B 87 -5.84 -2.72 16.12
CA TYR B 87 -6.34 -1.42 15.71
C TYR B 87 -7.72 -1.10 16.30
N TRP B 88 -8.66 -2.03 16.18
CA TRP B 88 -10.02 -1.83 16.70
C TRP B 88 -10.00 -1.60 18.21
N GLU B 89 -9.23 -2.42 18.93
CA GLU B 89 -9.15 -2.32 20.38
C GLU B 89 -8.34 -1.12 20.83
N ASN B 90 -7.55 -0.54 19.93
CA ASN B 90 -6.73 0.61 20.27
C ASN B 90 -7.51 1.92 20.14
N MET B 91 -8.77 1.81 19.73
CA MET B 91 -9.60 2.99 19.56
C MET B 91 -10.89 2.85 20.38
N ALA B 92 -11.58 3.97 20.58
CA ALA B 92 -12.82 3.98 21.35
C ALA B 92 -13.58 5.26 21.03
N PRO B 93 -14.92 5.23 21.12
CA PRO B 93 -15.68 6.44 20.82
C PRO B 93 -15.18 7.62 21.65
N SER B 94 -15.26 8.82 21.08
CA SER B 94 -14.81 10.03 21.79
C SER B 94 -15.37 10.03 23.21
N GLY B 95 -14.52 10.36 24.17
CA GLY B 95 -14.92 10.34 25.57
C GLY B 95 -14.06 9.22 26.14
N LYS B 96 -14.43 7.97 25.87
CA LYS B 96 -13.61 6.86 26.35
C LYS B 96 -12.31 6.97 25.53
N GLY B 97 -12.46 7.38 24.28
CA GLY B 97 -11.28 7.54 23.45
C GLY B 97 -10.81 8.99 23.41
N GLY B 98 -9.56 9.19 23.01
CA GLY B 98 -9.02 10.54 22.93
C GLY B 98 -8.43 10.99 24.25
N GLY B 99 -8.01 12.25 24.29
CA GLY B 99 -7.43 12.77 25.51
C GLY B 99 -5.97 12.39 25.64
N LYS B 100 -5.50 12.31 26.89
CA LYS B 100 -4.11 11.96 27.16
C LYS B 100 -3.98 10.69 27.98
N PRO B 101 -2.80 10.05 27.93
CA PRO B 101 -2.58 8.83 28.70
C PRO B 101 -2.18 9.19 30.13
N GLY B 102 -2.43 8.28 31.06
CA GLY B 102 -2.06 8.50 32.45
C GLY B 102 -1.17 7.37 32.91
N GLY B 103 -1.15 7.13 34.22
CA GLY B 103 -0.36 6.05 34.78
C GLY B 103 1.07 5.91 34.29
N ALA B 104 1.55 4.67 34.26
CA ALA B 104 2.91 4.37 33.85
C ALA B 104 3.21 4.81 32.43
N LEU B 105 2.23 4.67 31.53
CA LEU B 105 2.42 5.05 30.14
C LEU B 105 2.78 6.54 30.04
N ALA B 106 2.04 7.38 30.75
CA ALA B 106 2.29 8.82 30.74
C ALA B 106 3.68 9.11 31.29
N ASP B 107 4.04 8.41 32.37
CA ASP B 107 5.34 8.60 32.99
C ASP B 107 6.47 8.27 32.02
N LEU B 108 6.37 7.11 31.36
CA LEU B 108 7.39 6.70 30.40
C LEU B 108 7.49 7.70 29.26
N ILE B 109 6.33 8.16 28.79
CA ILE B 109 6.30 9.12 27.69
C ILE B 109 7.02 10.41 28.10
N ASN B 110 6.81 10.86 29.33
CA ASN B 110 7.47 12.07 29.79
C ASN B 110 8.97 11.88 29.92
N LYS B 111 9.39 10.73 30.42
CA LYS B 111 10.82 10.46 30.57
C LYS B 111 11.57 10.36 29.26
N GLN B 112 10.91 9.80 28.23
CA GLN B 112 11.55 9.60 26.95
C GLN B 112 11.27 10.68 25.90
N TYR B 113 10.14 11.38 26.02
CA TYR B 113 9.82 12.41 25.05
C TYR B 113 9.64 13.80 25.65
N GLY B 114 9.79 13.91 26.96
CA GLY B 114 9.64 15.20 27.61
C GLY B 114 8.20 15.48 28.02
N SER B 115 7.27 15.16 27.13
CA SER B 115 5.86 15.37 27.40
C SER B 115 5.03 14.66 26.35
N PHE B 116 3.74 14.50 26.65
CA PHE B 116 2.83 13.88 25.72
C PHE B 116 2.77 14.74 24.45
N ASP B 117 2.74 16.06 24.64
CA ASP B 117 2.68 17.01 23.54
C ASP B 117 3.81 16.84 22.54
N ARG B 118 5.02 16.61 23.05
CA ARG B 118 6.16 16.39 22.18
C ARG B 118 6.00 15.03 21.51
N PHE B 119 5.66 14.01 22.29
CA PHE B 119 5.47 12.68 21.73
C PHE B 119 4.49 12.70 20.57
N LYS B 120 3.35 13.36 20.77
CA LYS B 120 2.33 13.45 19.73
C LYS B 120 2.92 14.01 18.45
N GLN B 121 3.72 15.06 18.58
CA GLN B 121 4.37 15.70 17.42
C GLN B 121 5.27 14.74 16.68
N VAL B 122 6.17 14.09 17.41
CA VAL B 122 7.12 13.16 16.81
C VAL B 122 6.41 11.97 16.17
N PHE B 123 5.36 11.47 16.82
CA PHE B 123 4.61 10.33 16.28
C PHE B 123 3.88 10.72 15.01
N THR B 124 3.24 11.87 15.04
CA THR B 124 2.50 12.37 13.90
C THR B 124 3.45 12.59 12.73
N GLU B 125 4.60 13.17 13.03
CA GLU B 125 5.63 13.43 12.02
C GLU B 125 6.11 12.12 11.39
N THR B 126 6.37 11.13 12.25
CA THR B 126 6.86 9.84 11.78
C THR B 126 5.78 9.10 10.99
N ALA B 127 4.54 9.19 11.45
CA ALA B 127 3.43 8.54 10.75
C ALA B 127 3.26 9.12 9.35
N ASN B 128 3.35 10.44 9.23
CA ASN B 128 3.18 11.09 7.93
C ASN B 128 4.35 10.87 6.98
N SER B 129 5.51 10.49 7.51
CA SER B 129 6.68 10.26 6.68
C SER B 129 6.62 8.90 5.99
N LEU B 130 5.69 8.04 6.41
CA LEU B 130 5.57 6.71 5.83
C LEU B 130 5.34 6.75 4.33
N PRO B 131 6.28 6.20 3.56
CA PRO B 131 6.16 6.16 2.09
C PRO B 131 5.27 5.02 1.65
N GLY B 132 4.04 5.34 1.28
CA GLY B 132 3.11 4.30 0.85
C GLY B 132 2.18 3.85 1.95
N THR B 133 1.59 2.68 1.78
CA THR B 133 0.67 2.14 2.76
C THR B 133 1.38 1.35 3.86
N GLY B 134 0.74 1.28 5.02
CA GLY B 134 1.34 0.56 6.13
C GLY B 134 0.74 0.97 7.46
N TRP B 135 1.59 1.03 8.48
CA TRP B 135 1.15 1.37 9.83
C TRP B 135 2.20 2.18 10.59
N ALA B 136 1.75 2.80 11.67
CA ALA B 136 2.62 3.55 12.55
C ALA B 136 2.28 2.96 13.92
N VAL B 137 3.29 2.53 14.66
CA VAL B 137 3.04 1.95 15.97
C VAL B 137 4.01 2.45 17.02
N LEU B 138 3.59 2.29 18.28
CA LEU B 138 4.43 2.64 19.40
C LEU B 138 4.61 1.31 20.12
N TYR B 139 5.86 0.86 20.17
CA TYR B 139 6.19 -0.39 20.83
C TYR B 139 6.64 -0.12 22.24
N TYR B 140 6.55 -1.15 23.06
CA TYR B 140 7.10 -1.07 24.39
C TYR B 140 8.15 -2.15 24.28
N ASP B 141 9.41 -1.76 24.19
CA ASP B 141 10.47 -2.74 24.09
C ASP B 141 10.71 -3.26 25.50
N THR B 142 10.37 -4.52 25.74
CA THR B 142 10.54 -5.13 27.05
C THR B 142 12.01 -5.31 27.39
N GLU B 143 12.88 -5.19 26.39
CA GLU B 143 14.31 -5.36 26.64
C GLU B 143 14.92 -4.08 27.19
N SER B 144 14.71 -2.98 26.48
CA SER B 144 15.28 -1.69 26.88
C SER B 144 14.34 -0.85 27.69
N GLY B 145 13.04 -1.11 27.60
CA GLY B 145 12.07 -0.32 28.31
C GLY B 145 11.72 0.92 27.49
N ASN B 146 12.19 0.95 26.24
CA ASN B 146 11.93 2.08 25.37
C ASN B 146 10.58 2.01 24.69
N LEU B 147 9.91 3.15 24.61
CA LEU B 147 8.64 3.24 23.89
C LEU B 147 9.15 3.59 22.49
N GLN B 148 9.36 2.55 21.69
CA GLN B 148 9.91 2.70 20.34
C GLN B 148 8.89 2.92 19.24
N ILE B 149 9.03 4.04 18.53
CA ILE B 149 8.14 4.37 17.43
C ILE B 149 8.62 3.60 16.19
N MET B 150 7.69 3.20 15.33
CA MET B 150 8.05 2.48 14.13
C MET B 150 6.94 2.58 13.09
N THR B 151 7.33 2.58 11.82
CA THR B 151 6.37 2.60 10.73
C THR B 151 6.55 1.28 9.98
N PHE B 152 5.43 0.61 9.67
CA PHE B 152 5.44 -0.64 8.94
C PHE B 152 5.10 -0.30 7.50
N GLU B 153 5.66 -1.05 6.56
CA GLU B 153 5.34 -0.88 5.15
C GLU B 153 4.53 -2.15 4.88
N ASN B 154 3.33 -1.98 4.34
CA ASN B 154 2.41 -3.09 4.12
C ASN B 154 2.12 -3.59 5.54
N HIS B 155 1.65 -4.82 5.70
CA HIS B 155 1.33 -5.32 7.04
C HIS B 155 2.48 -6.06 7.73
N PHE B 156 3.48 -6.46 6.95
CA PHE B 156 4.55 -7.29 7.47
C PHE B 156 5.99 -6.81 7.39
N GLN B 157 6.24 -5.58 7.00
CA GLN B 157 7.62 -5.11 6.92
C GLN B 157 7.96 -4.06 7.97
N ASN B 158 9.11 -4.22 8.61
CA ASN B 158 9.66 -3.32 9.64
C ASN B 158 9.31 -3.62 11.09
N HIS B 159 8.57 -4.70 11.35
CA HIS B 159 8.23 -5.05 12.73
C HIS B 159 9.50 -5.28 13.52
N ILE B 160 9.41 -5.15 14.84
CA ILE B 160 10.52 -5.44 15.72
C ILE B 160 10.08 -6.71 16.43
N ALA B 161 10.95 -7.71 16.41
CA ALA B 161 10.66 -9.01 16.98
C ALA B 161 10.15 -9.09 18.41
N GLU B 162 9.11 -9.94 18.57
CA GLU B 162 8.52 -10.25 19.86
C GLU B 162 7.95 -9.17 20.78
N ILE B 163 8.30 -7.91 20.62
CA ILE B 163 7.76 -6.92 21.54
C ILE B 163 6.34 -6.47 21.24
N PRO B 164 5.59 -6.07 22.29
CA PRO B 164 4.20 -5.63 22.21
C PRO B 164 3.95 -4.24 21.64
N ILE B 165 2.85 -4.14 20.90
CA ILE B 165 2.40 -2.89 20.28
C ILE B 165 1.45 -2.25 21.29
N ILE B 166 1.72 -0.99 21.63
CA ILE B 166 0.91 -0.27 22.59
C ILE B 166 -0.04 0.68 21.88
N LEU B 167 0.49 1.33 20.84
CA LEU B 167 -0.28 2.27 20.04
C LEU B 167 -0.19 1.79 18.59
N ILE B 168 -1.30 1.79 17.87
CA ILE B 168 -1.25 1.36 16.48
C ILE B 168 -2.18 2.20 15.61
N LEU B 169 -1.62 2.71 14.52
CA LEU B 169 -2.37 3.52 13.57
C LEU B 169 -2.33 2.91 12.17
N ASP B 170 -3.49 2.61 11.61
CA ASP B 170 -3.58 2.04 10.27
C ASP B 170 -3.37 3.13 9.22
N GLU B 171 -2.40 2.93 8.33
CA GLU B 171 -2.15 3.92 7.29
C GLU B 171 -2.39 3.42 5.87
N PHE B 172 -3.15 2.35 5.71
CA PHE B 172 -3.48 1.88 4.39
C PHE B 172 -4.53 2.89 3.95
N GLU B 173 -4.68 3.11 2.66
CA GLU B 173 -5.63 4.09 2.18
C GLU B 173 -7.10 3.80 2.52
N HIS B 174 -7.46 2.52 2.62
CA HIS B 174 -8.84 2.15 2.93
C HIS B 174 -9.25 2.54 4.34
N ALA B 175 -8.29 2.98 5.15
CA ALA B 175 -8.61 3.38 6.51
C ALA B 175 -9.11 4.81 6.57
N TYR B 176 -8.98 5.54 5.47
CA TYR B 176 -9.38 6.95 5.48
C TYR B 176 -9.85 7.54 4.15
N TYR B 177 -9.53 6.89 3.04
CA TYR B 177 -9.88 7.44 1.72
C TYR B 177 -11.31 7.91 1.50
N LEU B 178 -12.29 7.06 1.80
CA LEU B 178 -13.68 7.43 1.59
C LEU B 178 -14.07 8.74 2.24
N GLN B 179 -13.39 9.09 3.33
CA GLN B 179 -13.71 10.32 4.05
C GLN B 179 -12.70 11.44 3.82
N TYR B 180 -11.42 11.10 3.84
CA TYR B 180 -10.36 12.09 3.68
C TYR B 180 -9.68 12.12 2.33
N LYS B 181 -10.06 11.22 1.42
CA LYS B 181 -9.42 11.14 0.12
C LYS B 181 -7.91 10.98 0.35
N ASN B 182 -7.09 11.70 -0.40
CA ASN B 182 -5.64 11.59 -0.25
C ASN B 182 -5.02 12.42 0.87
N LYS B 183 -5.84 13.00 1.75
CA LYS B 183 -5.29 13.81 2.85
C LYS B 183 -5.03 12.97 4.11
N ARG B 184 -4.12 12.01 3.98
CA ARG B 184 -3.78 11.13 5.10
C ARG B 184 -3.43 11.88 6.38
N ALA B 185 -2.73 13.01 6.24
CA ALA B 185 -2.32 13.80 7.40
C ALA B 185 -3.49 14.30 8.23
N ASP B 186 -4.62 14.59 7.57
CA ASP B 186 -5.79 15.07 8.30
C ASP B 186 -6.41 13.91 9.09
N TYR B 187 -6.35 12.73 8.49
CA TYR B 187 -6.87 11.52 9.13
C TYR B 187 -6.02 11.23 10.36
N VAL B 188 -4.70 11.39 10.22
CA VAL B 188 -3.80 11.16 11.34
C VAL B 188 -4.13 12.10 12.50
N ASN B 189 -4.39 13.38 12.19
CA ASN B 189 -4.72 14.35 13.24
C ASN B 189 -6.03 13.96 13.92
N ALA B 190 -7.03 13.57 13.13
CA ALA B 190 -8.33 13.20 13.66
C ALA B 190 -8.28 11.95 14.53
N TRP B 191 -7.41 11.02 14.16
CA TRP B 191 -7.24 9.76 14.87
C TRP B 191 -6.92 9.92 16.36
N TRP B 192 -6.13 10.91 16.71
CA TRP B 192 -5.77 11.12 18.12
C TRP B 192 -7.00 11.23 19.01
N ASN B 193 -8.10 11.69 18.44
CA ASN B 193 -9.34 11.87 19.18
C ASN B 193 -10.06 10.58 19.58
N VAL B 194 -9.65 9.44 19.02
CA VAL B 194 -10.29 8.18 19.36
C VAL B 194 -9.33 7.13 19.90
N VAL B 195 -8.11 7.53 20.22
CA VAL B 195 -7.12 6.59 20.75
C VAL B 195 -7.58 6.10 22.12
N ASN B 196 -7.57 4.79 22.31
CA ASN B 196 -7.99 4.20 23.58
C ASN B 196 -6.80 4.16 24.54
N TRP B 197 -6.51 5.30 25.14
CA TRP B 197 -5.40 5.41 26.08
C TRP B 197 -5.50 4.49 27.29
N ASP B 198 -6.72 4.23 27.75
CA ASP B 198 -6.91 3.34 28.90
C ASP B 198 -6.48 1.92 28.53
N ALA B 199 -6.92 1.46 27.36
CA ALA B 199 -6.55 0.11 26.92
C ALA B 199 -5.04 0.07 26.78
N ALA B 200 -4.46 1.14 26.26
CA ALA B 200 -3.01 1.22 26.09
C ALA B 200 -2.28 1.08 27.43
N GLU B 201 -2.71 1.84 28.42
CA GLU B 201 -2.09 1.76 29.75
C GLU B 201 -2.26 0.35 30.30
N LYS B 202 -3.44 -0.21 30.10
CA LYS B 202 -3.74 -1.56 30.58
C LYS B 202 -2.77 -2.57 29.95
N LYS B 203 -2.57 -2.48 28.64
CA LYS B 203 -1.66 -3.41 27.97
C LYS B 203 -0.23 -3.22 28.46
N LEU B 204 0.21 -1.96 28.57
CA LEU B 204 1.55 -1.70 29.05
C LEU B 204 1.79 -2.33 30.42
N GLN B 205 0.82 -2.16 31.33
CA GLN B 205 0.92 -2.71 32.68
C GLN B 205 1.32 -4.19 32.67
N LYS B 206 0.74 -4.94 31.75
CA LYS B 206 1.03 -6.36 31.65
C LYS B 206 2.50 -6.70 31.45
N TYR B 207 3.28 -5.75 30.93
CA TYR B 207 4.71 -6.02 30.70
C TYR B 207 5.62 -5.30 31.69
N LEU B 208 5.04 -4.72 32.73
CA LEU B 208 5.85 -4.04 33.73
C LEU B 208 6.00 -4.91 34.97
#